data_6U9K
#
_entry.id   6U9K
#
_cell.length_a   54.949
_cell.length_b   54.949
_cell.length_c   104.895
_cell.angle_alpha   90.000
_cell.angle_beta   90.000
_cell.angle_gamma   120.000
#
_symmetry.space_group_name_H-M   'P 32'
#
loop_
_entity.id
_entity.type
_entity.pdbx_description
1 polymer 'Histone-lysine N-methyltransferase'
2 non-polymer 'ZINC ION'
3 non-polymer "5'-([(3S)-3-amino-3-carboxypropyl]{[1-(3,3-diphenylpropyl)azetidin-3-yl]methyl}amino)-5'-deoxyadenosine"
4 non-polymer GLYCEROL
5 water water
#
_entity_poly.entity_id   1
_entity_poly.type   'polypeptide(L)'
_entity_poly.pdbx_seq_one_letter_code
;SDLPMPMRFRHLKKTSKEAVGVYRSPIHGRGLFCKRNIDAGEMVIEYAGIVIRSILTDKREKYYDSKGIGCYMFRIDDSE
VVDATMHGNAARFINHSCEPNCYSRVINIDGQKHIVIFAMRKIYRGEELTYDYKFPIEDASNKLPCNCGAKKCRKFLN
;
_entity_poly.pdbx_strand_id   A,B
#
# COMPACT_ATOMS: atom_id res chain seq x y z
N ASP A 2 10.61 -17.95 -11.61
CA ASP A 2 10.97 -18.03 -13.03
C ASP A 2 12.49 -18.13 -13.19
N LEU A 3 13.25 -17.19 -12.61
CA LEU A 3 14.70 -17.24 -12.68
C LEU A 3 15.23 -18.07 -11.50
N PRO A 4 16.37 -18.80 -11.66
CA PRO A 4 16.90 -19.57 -10.51
C PRO A 4 17.27 -18.63 -9.35
N MET A 5 17.05 -19.09 -8.11
CA MET A 5 17.29 -18.36 -6.87
C MET A 5 18.62 -17.55 -6.83
N PRO A 6 19.82 -18.11 -7.18
CA PRO A 6 21.05 -17.28 -7.12
C PRO A 6 21.02 -16.12 -8.10
N MET A 7 20.44 -16.35 -9.31
CA MET A 7 20.31 -15.32 -10.35
C MET A 7 19.40 -14.18 -9.88
N ARG A 8 18.30 -14.51 -9.17
CA ARG A 8 17.39 -13.52 -8.60
C ARG A 8 18.03 -12.71 -7.48
N PHE A 9 18.78 -13.39 -6.57
CA PHE A 9 19.44 -12.71 -5.44
C PHE A 9 20.46 -11.66 -5.86
N ARG A 10 21.29 -11.98 -6.87
CA ARG A 10 22.39 -11.12 -7.34
C ARG A 10 21.98 -9.67 -7.63
N HIS A 11 20.67 -9.38 -7.78
CA HIS A 11 20.17 -8.01 -7.97
C HIS A 11 19.19 -7.67 -6.82
N LEU A 12 19.58 -6.73 -5.90
CA LEU A 12 18.74 -6.33 -4.75
C LEU A 12 19.01 -4.93 -4.18
N LYS A 13 20.28 -4.62 -3.79
CA LYS A 13 20.68 -3.33 -3.18
C LYS A 13 20.10 -2.09 -3.88
N LYS A 14 20.24 -2.03 -5.22
CA LYS A 14 19.75 -0.93 -6.04
C LYS A 14 18.22 -0.89 -6.15
N THR A 15 17.59 -2.07 -6.42
CA THR A 15 16.14 -2.21 -6.61
C THR A 15 15.33 -1.99 -5.32
N SER A 16 15.86 -2.42 -4.16
CA SER A 16 15.16 -2.22 -2.88
C SER A 16 15.15 -0.74 -2.46
N LYS A 17 16.18 0.03 -2.87
CA LYS A 17 16.32 1.46 -2.58
C LYS A 17 15.17 2.27 -3.24
N GLU A 18 14.74 1.85 -4.44
CA GLU A 18 13.64 2.49 -5.16
C GLU A 18 12.27 1.81 -4.95
N ALA A 19 12.25 0.59 -4.36
CA ALA A 19 10.98 -0.13 -4.20
C ALA A 19 10.33 0.02 -2.83
N VAL A 20 11.13 0.29 -1.79
CA VAL A 20 10.58 0.37 -0.42
C VAL A 20 11.11 1.55 0.37
N GLY A 21 10.35 1.95 1.38
CA GLY A 21 10.75 3.03 2.27
C GLY A 21 10.23 2.82 3.68
N VAL A 22 10.87 3.49 4.65
CA VAL A 22 10.53 3.40 6.07
C VAL A 22 9.72 4.60 6.50
N TYR A 23 8.53 4.38 7.05
CA TYR A 23 7.67 5.48 7.51
C TYR A 23 7.00 5.06 8.81
N ARG A 24 6.22 5.96 9.46
CA ARG A 24 5.48 5.61 10.68
C ARG A 24 4.43 4.59 10.32
N SER A 25 4.26 3.58 11.15
CA SER A 25 3.27 2.53 10.92
C SER A 25 2.13 2.58 11.93
N PRO A 26 0.87 2.36 11.47
CA PRO A 26 -0.25 2.28 12.43
C PRO A 26 -0.24 0.95 13.20
N ILE A 27 0.55 -0.04 12.72
CA ILE A 27 0.67 -1.34 13.40
C ILE A 27 1.55 -1.11 14.64
N HIS A 28 2.81 -0.66 14.44
CA HIS A 28 3.76 -0.33 15.50
C HIS A 28 4.90 0.52 14.98
N GLY A 29 5.25 1.57 15.75
CA GLY A 29 6.39 2.47 15.53
C GLY A 29 6.64 2.83 14.09
N ARG A 30 7.73 2.28 13.51
CA ARG A 30 8.00 2.49 12.08
C ARG A 30 7.84 1.16 11.35
N GLY A 31 7.52 1.23 10.07
CA GLY A 31 7.39 0.01 9.26
C GLY A 31 7.98 0.20 7.89
N LEU A 32 8.03 -0.87 7.10
CA LEU A 32 8.51 -0.83 5.71
C LEU A 32 7.30 -0.76 4.80
N PHE A 33 7.30 0.14 3.82
CA PHE A 33 6.18 0.35 2.92
C PHE A 33 6.65 0.33 1.47
N CYS A 34 5.78 -0.05 0.53
CA CYS A 34 6.30 -0.03 -0.83
C CYS A 34 6.00 1.27 -1.54
N LYS A 35 6.98 1.70 -2.37
CA LYS A 35 6.95 2.98 -3.09
C LYS A 35 6.42 2.80 -4.51
N ARG A 36 6.36 1.55 -4.98
CA ARG A 36 5.87 1.17 -6.31
C ARG A 36 5.28 -0.21 -6.18
N ASN A 37 4.43 -0.61 -7.14
CA ASN A 37 3.80 -1.92 -7.09
C ASN A 37 4.83 -3.04 -7.19
N ILE A 38 4.68 -4.07 -6.35
CA ILE A 38 5.58 -5.23 -6.30
C ILE A 38 4.79 -6.49 -6.77
N ASP A 39 5.28 -7.19 -7.80
CA ASP A 39 4.58 -8.39 -8.29
C ASP A 39 4.62 -9.55 -7.32
N ALA A 40 3.62 -10.44 -7.37
CA ALA A 40 3.58 -11.61 -6.49
C ALA A 40 4.83 -12.45 -6.78
N GLY A 41 5.39 -13.03 -5.73
CA GLY A 41 6.58 -13.85 -5.85
C GLY A 41 7.89 -13.11 -5.87
N GLU A 42 7.90 -11.81 -6.22
CA GLU A 42 9.09 -10.95 -6.34
C GLU A 42 9.97 -10.92 -5.08
N MET A 43 11.33 -10.88 -5.27
CA MET A 43 12.33 -10.71 -4.20
C MET A 43 12.32 -9.24 -3.89
N VAL A 44 11.99 -8.88 -2.66
CA VAL A 44 11.85 -7.49 -2.27
C VAL A 44 13.14 -6.91 -1.74
N ILE A 45 13.65 -7.50 -0.65
CA ILE A 45 14.76 -6.99 0.10
C ILE A 45 15.36 -8.10 0.95
N GLU A 46 16.64 -7.97 1.23
CA GLU A 46 17.32 -8.87 2.13
C GLU A 46 17.16 -8.32 3.55
N TYR A 47 16.95 -9.21 4.53
CA TYR A 47 16.97 -8.79 5.94
C TYR A 47 18.49 -8.79 6.25
N ALA A 48 19.16 -7.66 6.04
CA ALA A 48 20.63 -7.60 6.20
C ALA A 48 21.08 -7.65 7.64
N GLY A 49 22.24 -8.27 7.87
CA GLY A 49 22.82 -8.32 9.21
C GLY A 49 23.84 -9.42 9.38
N ILE A 50 24.25 -9.66 10.62
CA ILE A 50 25.25 -10.68 10.97
C ILE A 50 24.60 -11.94 11.50
N VAL A 51 24.92 -13.10 10.90
CA VAL A 51 24.42 -14.40 11.36
C VAL A 51 25.21 -14.75 12.64
N ILE A 52 24.50 -14.98 13.74
CA ILE A 52 25.09 -15.31 15.05
C ILE A 52 24.41 -16.55 15.65
N ARG A 53 25.11 -17.23 16.57
CA ARG A 53 24.52 -18.39 17.27
C ARG A 53 23.46 -17.88 18.26
N SER A 54 22.30 -18.58 18.33
CA SER A 54 21.14 -18.29 19.19
C SER A 54 21.50 -18.07 20.65
N ILE A 55 22.46 -18.84 21.20
CA ILE A 55 22.93 -18.71 22.59
C ILE A 55 23.45 -17.31 22.93
N LEU A 56 24.02 -16.60 21.95
CA LEU A 56 24.60 -15.27 22.09
C LEU A 56 23.56 -14.14 22.14
N THR A 57 22.30 -14.38 21.73
CA THR A 57 21.29 -13.30 21.61
C THR A 57 20.96 -12.61 22.92
N ASP A 58 20.79 -13.38 24.00
CA ASP A 58 20.43 -12.86 25.33
C ASP A 58 21.40 -11.77 25.78
N LYS A 59 22.72 -12.05 25.76
CA LYS A 59 23.74 -11.06 26.16
C LYS A 59 23.82 -9.88 25.19
N ARG A 60 23.67 -10.12 23.87
CA ARG A 60 23.68 -9.05 22.86
C ARG A 60 22.51 -8.08 23.09
N GLU A 61 21.27 -8.61 23.26
CA GLU A 61 20.05 -7.83 23.56
C GLU A 61 20.21 -7.05 24.87
N LYS A 62 20.81 -7.70 25.91
CA LYS A 62 21.07 -7.06 27.19
C LYS A 62 22.04 -5.87 27.01
N TYR A 63 23.08 -6.04 26.14
CA TYR A 63 24.04 -4.98 25.85
C TYR A 63 23.33 -3.78 25.22
N TYR A 64 22.59 -4.00 24.11
CA TYR A 64 21.85 -2.96 23.38
C TYR A 64 20.87 -2.22 24.24
N ASP A 65 20.04 -2.95 25.01
CA ASP A 65 19.05 -2.38 25.93
C ASP A 65 19.69 -1.44 26.96
N SER A 66 20.87 -1.81 27.51
CA SER A 66 21.58 -1.00 28.54
C SER A 66 22.14 0.31 27.93
N LYS A 67 22.34 0.33 26.60
CA LYS A 67 22.84 1.50 25.88
C LYS A 67 21.70 2.33 25.24
N GLY A 68 20.45 1.89 25.44
CA GLY A 68 19.26 2.54 24.89
C GLY A 68 19.24 2.49 23.36
N ILE A 69 19.81 1.43 22.79
CA ILE A 69 19.88 1.16 21.34
C ILE A 69 18.84 0.10 21.03
N GLY A 70 17.98 0.37 20.04
CA GLY A 70 16.96 -0.59 19.59
C GLY A 70 17.66 -1.87 19.11
N CYS A 71 17.17 -3.04 19.54
CA CYS A 71 17.71 -4.37 19.22
C CYS A 71 16.90 -4.95 18.08
N TYR A 72 17.53 -5.18 16.91
CA TYR A 72 16.83 -5.70 15.72
C TYR A 72 17.36 -7.05 15.39
N MET A 73 16.58 -8.12 15.61
CA MET A 73 17.05 -9.48 15.32
C MET A 73 16.02 -10.31 14.61
N PHE A 74 16.50 -11.18 13.71
CA PHE A 74 15.63 -12.09 12.97
C PHE A 74 16.02 -13.50 13.32
N ARG A 75 15.09 -14.28 13.88
CA ARG A 75 15.39 -15.65 14.24
C ARG A 75 15.26 -16.58 13.04
N ILE A 76 16.38 -17.17 12.58
CA ILE A 76 16.45 -18.15 11.49
C ILE A 76 15.75 -19.42 12.01
N ASP A 77 16.18 -19.91 13.20
CA ASP A 77 15.60 -21.03 13.94
C ASP A 77 16.21 -21.12 15.36
N ASP A 78 16.13 -22.31 16.01
CA ASP A 78 16.62 -22.53 17.37
C ASP A 78 18.14 -22.37 17.57
N SER A 79 18.95 -22.33 16.49
CA SER A 79 20.41 -22.24 16.62
C SER A 79 21.06 -20.99 16.00
N GLU A 80 20.39 -20.32 15.04
CA GLU A 80 20.95 -19.11 14.43
C GLU A 80 19.96 -17.95 14.39
N VAL A 81 20.52 -16.73 14.47
CA VAL A 81 19.80 -15.47 14.47
C VAL A 81 20.59 -14.47 13.58
N VAL A 82 19.89 -13.55 12.91
CA VAL A 82 20.54 -12.48 12.16
C VAL A 82 20.39 -11.21 13.00
N ASP A 83 21.52 -10.60 13.34
CA ASP A 83 21.54 -9.37 14.12
C ASP A 83 21.66 -8.18 13.16
N ALA A 84 20.57 -7.41 13.05
CA ALA A 84 20.47 -6.25 12.15
C ALA A 84 20.65 -4.94 12.90
N THR A 85 21.01 -5.03 14.18
CA THR A 85 21.14 -3.83 15.03
C THR A 85 22.17 -2.81 14.49
N MET A 86 23.38 -3.29 14.17
CA MET A 86 24.48 -2.44 13.72
C MET A 86 24.70 -2.47 12.24
N HIS A 87 24.52 -3.65 11.62
CA HIS A 87 24.78 -3.78 10.19
C HIS A 87 23.52 -4.14 9.39
N GLY A 88 22.38 -3.59 9.78
CA GLY A 88 21.10 -3.86 9.11
C GLY A 88 20.77 -2.88 8.00
N ASN A 89 19.59 -3.04 7.41
CA ASN A 89 19.07 -2.18 6.36
C ASN A 89 17.60 -1.90 6.68
N ALA A 90 16.80 -1.45 5.71
CA ALA A 90 15.40 -1.09 5.93
C ALA A 90 14.48 -2.26 6.33
N ALA A 91 14.85 -3.50 5.94
CA ALA A 91 14.06 -4.70 6.24
C ALA A 91 13.91 -4.94 7.74
N ARG A 92 14.80 -4.36 8.56
CA ARG A 92 14.70 -4.54 10.02
C ARG A 92 13.45 -3.91 10.62
N PHE A 93 12.76 -3.01 9.86
CA PHE A 93 11.54 -2.37 10.34
C PHE A 93 10.27 -3.12 9.92
N ILE A 94 10.40 -4.26 9.24
CA ILE A 94 9.22 -5.02 8.79
C ILE A 94 8.42 -5.53 9.98
N ASN A 95 7.17 -5.10 10.08
CA ASN A 95 6.25 -5.48 11.14
C ASN A 95 5.55 -6.79 10.85
N HIS A 96 5.01 -7.42 11.90
CA HIS A 96 4.25 -8.67 11.82
C HIS A 96 2.81 -8.42 11.38
N SER A 97 2.22 -9.39 10.65
CA SER A 97 0.79 -9.40 10.30
C SER A 97 0.29 -10.81 10.17
N CYS A 98 -1.01 -11.03 10.52
CA CYS A 98 -1.67 -12.33 10.47
C CYS A 98 -2.26 -12.59 9.10
N GLU A 99 -2.30 -11.55 8.27
CA GLU A 99 -2.69 -11.61 6.88
C GLU A 99 -1.49 -10.93 6.20
N PRO A 100 -0.31 -11.58 6.19
CA PRO A 100 0.87 -10.93 5.63
C PRO A 100 0.88 -10.86 4.12
N ASN A 101 1.64 -9.94 3.55
CA ASN A 101 1.73 -9.88 2.10
C ASN A 101 3.09 -10.34 1.67
N CYS A 102 3.97 -10.68 2.64
CA CYS A 102 5.35 -11.13 2.39
C CYS A 102 5.65 -12.38 3.22
N TYR A 103 6.73 -13.06 2.88
CA TYR A 103 7.23 -14.19 3.68
C TYR A 103 8.73 -14.20 3.64
N SER A 104 9.34 -14.73 4.72
CA SER A 104 10.80 -14.81 4.85
C SER A 104 11.27 -16.19 4.49
N ARG A 105 12.47 -16.25 3.88
CA ARG A 105 13.12 -17.51 3.53
C ARG A 105 14.63 -17.36 3.76
N VAL A 106 15.27 -18.43 4.24
CA VAL A 106 16.72 -18.42 4.38
C VAL A 106 17.24 -19.05 3.11
N ILE A 107 17.97 -18.27 2.31
CA ILE A 107 18.56 -18.82 1.08
C ILE A 107 20.09 -18.88 1.24
N ASN A 108 20.71 -19.87 0.62
CA ASN A 108 22.17 -20.02 0.67
C ASN A 108 22.74 -19.84 -0.74
N ILE A 109 23.33 -18.65 -1.02
CA ILE A 109 23.90 -18.28 -2.31
C ILE A 109 25.43 -18.16 -2.20
N ASP A 110 26.14 -18.94 -3.05
CA ASP A 110 27.60 -18.99 -3.16
C ASP A 110 28.28 -19.29 -1.80
N GLY A 111 27.63 -20.17 -1.03
CA GLY A 111 28.07 -20.63 0.28
C GLY A 111 27.63 -19.77 1.46
N GLN A 112 27.11 -18.57 1.18
CA GLN A 112 26.68 -17.63 2.21
C GLN A 112 25.18 -17.57 2.37
N LYS A 113 24.70 -17.57 3.63
CA LYS A 113 23.28 -17.47 3.99
C LYS A 113 22.81 -16.05 3.89
N HIS A 114 21.57 -15.87 3.42
CA HIS A 114 20.88 -14.58 3.35
C HIS A 114 19.42 -14.82 3.65
N ILE A 115 18.84 -13.95 4.47
CA ILE A 115 17.41 -13.96 4.75
C ILE A 115 16.85 -13.00 3.73
N VAL A 116 15.95 -13.49 2.89
CA VAL A 116 15.32 -12.66 1.86
C VAL A 116 13.82 -12.63 2.07
N ILE A 117 13.20 -11.49 1.74
CA ILE A 117 11.76 -11.26 1.88
C ILE A 117 11.10 -11.30 0.48
N PHE A 118 10.07 -12.13 0.33
CA PHE A 118 9.34 -12.29 -0.93
C PHE A 118 7.90 -11.82 -0.79
N ALA A 119 7.33 -11.33 -1.87
CA ALA A 119 5.93 -10.93 -1.87
C ALA A 119 5.06 -12.21 -2.07
N MET A 120 4.07 -12.42 -1.20
CA MET A 120 3.13 -13.55 -1.22
C MET A 120 2.01 -13.29 -2.26
N ARG A 121 1.72 -12.00 -2.50
CA ARG A 121 0.70 -11.46 -3.41
C ARG A 121 1.22 -10.18 -4.10
N LYS A 122 0.44 -9.60 -5.04
CA LYS A 122 0.81 -8.32 -5.62
C LYS A 122 0.60 -7.29 -4.51
N ILE A 123 1.59 -6.44 -4.29
CA ILE A 123 1.57 -5.42 -3.23
C ILE A 123 1.54 -4.10 -3.95
N TYR A 124 0.64 -3.22 -3.55
CA TYR A 124 0.42 -1.94 -4.23
C TYR A 124 1.05 -0.79 -3.54
N ARG A 125 1.45 0.26 -4.31
CA ARG A 125 2.15 1.39 -3.70
C ARG A 125 1.37 1.97 -2.53
N GLY A 126 2.12 2.17 -1.44
CA GLY A 126 1.59 2.75 -0.21
C GLY A 126 1.36 1.73 0.88
N GLU A 127 1.17 0.48 0.50
CA GLU A 127 0.93 -0.61 1.44
C GLU A 127 2.12 -0.87 2.33
N GLU A 128 1.86 -1.24 3.57
CA GLU A 128 2.92 -1.66 4.47
C GLU A 128 3.29 -3.12 4.15
N LEU A 129 4.61 -3.46 4.18
CA LEU A 129 5.10 -4.81 3.96
C LEU A 129 5.12 -5.50 5.31
N THR A 130 4.58 -6.71 5.37
CA THR A 130 4.48 -7.47 6.61
C THR A 130 4.74 -8.97 6.38
N TYR A 131 5.25 -9.66 7.38
CA TYR A 131 5.38 -11.12 7.29
C TYR A 131 4.93 -11.69 8.60
N ASP A 132 4.60 -13.00 8.63
CA ASP A 132 4.18 -13.66 9.85
C ASP A 132 5.46 -13.97 10.66
N TYR A 133 5.63 -13.34 11.83
CA TYR A 133 6.77 -13.60 12.72
C TYR A 133 6.68 -15.05 13.22
N LYS A 134 7.82 -15.77 13.27
CA LYS A 134 7.93 -17.19 13.70
C LYS A 134 7.20 -17.54 15.00
N PHE A 135 7.09 -16.57 15.92
CA PHE A 135 6.48 -16.71 17.24
C PHE A 135 5.05 -16.17 17.27
N LYS A 143 1.79 -13.98 23.60
CA LYS A 143 2.88 -13.21 24.20
C LYS A 143 2.60 -11.69 24.16
N LEU A 144 2.88 -11.05 23.02
CA LEU A 144 2.66 -9.62 22.82
C LEU A 144 1.40 -9.44 21.96
N PRO A 145 0.44 -8.57 22.36
CA PRO A 145 -0.79 -8.41 21.55
C PRO A 145 -0.54 -7.93 20.12
N CYS A 146 -1.23 -8.52 19.13
CA CYS A 146 -1.07 -8.15 17.72
C CYS A 146 -1.95 -7.00 17.34
N ASN A 147 -1.39 -6.04 16.58
CA ASN A 147 -2.07 -4.85 16.11
C ASN A 147 -2.13 -4.79 14.57
N CYS A 148 -2.08 -5.95 13.89
CA CYS A 148 -2.14 -5.98 12.41
C CYS A 148 -3.52 -5.55 11.89
N GLY A 149 -4.56 -5.78 12.70
CA GLY A 149 -5.94 -5.41 12.42
C GLY A 149 -6.67 -6.31 11.44
N ALA A 150 -6.05 -7.44 11.05
CA ALA A 150 -6.67 -8.38 10.09
C ALA A 150 -7.96 -9.01 10.64
N LYS A 151 -8.88 -9.41 9.76
CA LYS A 151 -10.11 -10.07 10.22
C LYS A 151 -9.73 -11.39 10.94
N LYS A 152 -8.82 -12.17 10.32
CA LYS A 152 -8.34 -13.47 10.81
C LYS A 152 -7.13 -13.34 11.76
N CYS A 153 -7.03 -12.21 12.48
CA CYS A 153 -5.94 -11.92 13.41
C CYS A 153 -5.86 -12.96 14.52
N ARG A 154 -4.63 -13.48 14.82
CA ARG A 154 -4.39 -14.45 15.89
C ARG A 154 -4.31 -13.74 17.26
N LYS A 155 -4.38 -12.39 17.24
CA LYS A 155 -4.43 -11.47 18.38
C LYS A 155 -3.16 -11.40 19.24
N PHE A 156 -2.16 -12.28 18.98
CA PHE A 156 -0.87 -12.32 19.67
C PHE A 156 0.26 -12.67 18.71
N LEU A 157 1.46 -12.11 18.97
CA LEU A 157 2.67 -12.36 18.19
C LEU A 157 3.29 -13.67 18.66
N LEU B 3 -4.94 4.28 13.10
CA LEU B 3 -5.45 2.91 13.20
C LEU B 3 -4.97 2.04 12.03
N PRO B 4 -4.85 0.70 12.19
CA PRO B 4 -4.41 -0.14 11.05
C PRO B 4 -5.37 -0.09 9.86
N MET B 5 -4.82 -0.18 8.64
CA MET B 5 -5.54 -0.14 7.36
C MET B 5 -6.82 -1.01 7.31
N PRO B 6 -6.84 -2.32 7.73
CA PRO B 6 -8.10 -3.08 7.66
C PRO B 6 -9.16 -2.52 8.61
N MET B 7 -8.72 -2.07 9.81
CA MET B 7 -9.59 -1.48 10.82
C MET B 7 -10.23 -0.18 10.32
N ARG B 8 -9.44 0.68 9.63
CA ARG B 8 -9.94 1.93 9.06
C ARG B 8 -10.93 1.70 7.91
N PHE B 9 -10.68 0.66 7.07
CA PHE B 9 -11.56 0.35 5.93
C PHE B 9 -12.97 -0.09 6.32
N ARG B 10 -13.09 -1.01 7.30
CA ARG B 10 -14.35 -1.61 7.76
C ARG B 10 -15.52 -0.61 7.99
N HIS B 11 -15.23 0.70 8.16
CA HIS B 11 -16.28 1.73 8.30
C HIS B 11 -16.21 2.73 7.14
N LEU B 12 -17.22 2.74 6.21
CA LEU B 12 -17.27 3.65 5.05
C LEU B 12 -18.67 3.96 4.47
N LYS B 13 -19.48 2.92 4.16
CA LYS B 13 -20.81 3.04 3.52
C LYS B 13 -21.72 4.08 4.19
N LYS B 14 -21.76 4.10 5.53
CA LYS B 14 -22.58 5.02 6.33
C LYS B 14 -21.93 6.40 6.47
N THR B 15 -20.59 6.45 6.58
CA THR B 15 -19.84 7.69 6.78
C THR B 15 -19.65 8.52 5.51
N SER B 16 -19.41 7.87 4.35
CA SER B 16 -19.22 8.56 3.06
C SER B 16 -20.52 9.19 2.57
N LYS B 17 -21.68 8.59 2.96
CA LYS B 17 -23.02 9.07 2.61
C LYS B 17 -23.27 10.45 3.27
N GLU B 18 -22.76 10.65 4.50
CA GLU B 18 -22.88 11.92 5.22
C GLU B 18 -21.70 12.88 4.95
N ALA B 19 -20.55 12.37 4.44
CA ALA B 19 -19.36 13.21 4.23
C ALA B 19 -19.23 13.84 2.86
N VAL B 20 -19.74 13.20 1.81
CA VAL B 20 -19.57 13.73 0.45
C VAL B 20 -20.87 13.75 -0.33
N GLY B 21 -20.90 14.55 -1.40
CA GLY B 21 -22.05 14.62 -2.29
C GLY B 21 -21.62 14.97 -3.70
N VAL B 22 -22.46 14.64 -4.68
CA VAL B 22 -22.22 14.88 -6.12
C VAL B 22 -23.00 16.12 -6.59
N TYR B 23 -22.30 17.09 -7.20
CA TYR B 23 -22.93 18.32 -7.69
C TYR B 23 -22.22 18.75 -8.97
N ARG B 24 -22.71 19.81 -9.65
CA ARG B 24 -22.04 20.35 -10.85
C ARG B 24 -20.66 20.87 -10.45
N SER B 25 -19.67 20.57 -11.28
CA SER B 25 -18.30 21.03 -11.04
C SER B 25 -17.85 22.05 -12.07
N PRO B 26 -17.12 23.13 -11.64
CA PRO B 26 -16.57 24.08 -12.62
C PRO B 26 -15.36 23.47 -13.37
N ILE B 27 -14.81 22.34 -12.86
CA ILE B 27 -13.68 21.68 -13.50
C ILE B 27 -14.23 20.93 -14.73
N HIS B 28 -15.21 20.03 -14.51
CA HIS B 28 -15.87 19.26 -15.57
C HIS B 28 -17.14 18.59 -15.05
N GLY B 29 -18.22 18.70 -15.84
CA GLY B 29 -19.53 18.07 -15.61
C GLY B 29 -19.95 18.00 -14.16
N ARG B 30 -19.95 16.80 -13.59
CA ARG B 30 -20.26 16.66 -12.17
C ARG B 30 -19.01 16.25 -11.42
N GLY B 31 -18.94 16.61 -10.15
CA GLY B 31 -17.81 16.24 -9.30
C GLY B 31 -18.25 15.82 -7.92
N LEU B 32 -17.29 15.38 -7.11
CA LEU B 32 -17.55 14.97 -5.72
C LEU B 32 -17.13 16.12 -4.80
N PHE B 33 -17.99 16.52 -3.84
CA PHE B 33 -17.73 17.64 -2.95
C PHE B 33 -17.90 17.25 -1.48
N CYS B 34 -17.22 17.90 -0.54
CA CYS B 34 -17.48 17.45 0.82
C CYS B 34 -18.57 18.28 1.51
N LYS B 35 -19.35 17.58 2.34
CA LYS B 35 -20.52 18.12 3.07
C LYS B 35 -20.11 18.57 4.49
N ARG B 36 -18.96 18.09 4.95
CA ARG B 36 -18.41 18.41 6.26
C ARG B 36 -16.91 18.36 6.15
N ASN B 37 -16.20 19.05 7.05
CA ASN B 37 -14.75 19.05 7.04
C ASN B 37 -14.17 17.65 7.17
N ILE B 38 -13.13 17.36 6.38
CA ILE B 38 -12.48 16.05 6.36
C ILE B 38 -11.02 16.21 6.88
N ASP B 39 -10.64 15.46 7.91
CA ASP B 39 -9.28 15.53 8.44
C ASP B 39 -8.24 15.03 7.45
N ALA B 40 -7.02 15.59 7.52
CA ALA B 40 -5.91 15.14 6.67
C ALA B 40 -5.64 13.68 7.05
N GLY B 41 -5.36 12.87 6.03
CA GLY B 41 -5.13 11.44 6.22
C GLY B 41 -6.37 10.58 6.26
N GLU B 42 -7.57 11.16 6.52
CA GLU B 42 -8.84 10.43 6.63
C GLU B 42 -9.18 9.61 5.36
N MET B 43 -9.77 8.40 5.54
CA MET B 43 -10.25 7.54 4.45
C MET B 43 -11.64 8.08 4.13
N VAL B 44 -11.80 8.60 2.91
CA VAL B 44 -13.02 9.28 2.50
C VAL B 44 -14.08 8.35 1.94
N ILE B 45 -13.73 7.62 0.88
CA ILE B 45 -14.66 6.82 0.13
C ILE B 45 -13.91 5.80 -0.69
N GLU B 46 -14.58 4.69 -0.95
CA GLU B 46 -14.07 3.68 -1.81
C GLU B 46 -14.47 4.04 -3.24
N TYR B 47 -13.55 3.79 -4.20
CA TYR B 47 -13.91 3.93 -5.62
C TYR B 47 -14.53 2.53 -5.90
N ALA B 48 -15.85 2.41 -5.71
CA ALA B 48 -16.52 1.11 -5.84
C ALA B 48 -16.64 0.67 -7.28
N GLY B 49 -16.57 -0.64 -7.49
CA GLY B 49 -16.72 -1.21 -8.82
C GLY B 49 -16.17 -2.61 -8.96
N ILE B 50 -16.08 -3.12 -10.20
CA ILE B 50 -15.61 -4.46 -10.50
C ILE B 50 -14.17 -4.42 -11.01
N VAL B 51 -13.25 -5.16 -10.38
CA VAL B 51 -11.86 -5.27 -10.83
C VAL B 51 -11.89 -6.17 -12.08
N ILE B 52 -11.33 -5.68 -13.18
CA ILE B 52 -11.29 -6.40 -14.46
C ILE B 52 -9.88 -6.36 -15.05
N ARG B 53 -9.53 -7.33 -15.92
CA ARG B 53 -8.22 -7.30 -16.58
C ARG B 53 -8.24 -6.15 -17.63
N SER B 54 -7.16 -5.34 -17.65
CA SER B 54 -6.95 -4.17 -18.54
C SER B 54 -7.24 -4.45 -20.02
N ILE B 55 -6.96 -5.66 -20.51
CA ILE B 55 -7.20 -6.06 -21.90
C ILE B 55 -8.68 -5.94 -22.33
N LEU B 56 -9.60 -6.11 -21.37
CA LEU B 56 -11.05 -6.05 -21.57
C LEU B 56 -11.65 -4.63 -21.65
N THR B 57 -10.90 -3.58 -21.23
CA THR B 57 -11.43 -2.21 -21.14
C THR B 57 -11.91 -1.64 -22.45
N ASP B 58 -11.14 -1.84 -23.53
CA ASP B 58 -11.43 -1.32 -24.87
C ASP B 58 -12.82 -1.77 -25.33
N LYS B 59 -13.09 -3.09 -25.26
CA LYS B 59 -14.40 -3.64 -25.65
C LYS B 59 -15.53 -3.20 -24.73
N ARG B 60 -15.26 -3.09 -23.40
CA ARG B 60 -16.25 -2.62 -22.42
C ARG B 60 -16.63 -1.15 -22.71
N GLU B 61 -15.63 -0.26 -22.90
CA GLU B 61 -15.84 1.16 -23.22
C GLU B 61 -16.59 1.32 -24.53
N LYS B 62 -16.26 0.49 -25.55
CA LYS B 62 -16.92 0.50 -26.85
C LYS B 62 -18.41 0.13 -26.69
N TYR B 63 -18.72 -0.88 -25.83
CA TYR B 63 -20.11 -1.29 -25.56
C TYR B 63 -20.89 -0.12 -24.93
N TYR B 64 -20.39 0.46 -23.82
CA TYR B 64 -21.02 1.58 -23.12
C TYR B 64 -21.24 2.77 -24.03
N ASP B 65 -20.20 3.16 -24.81
CA ASP B 65 -20.29 4.26 -25.75
C ASP B 65 -21.39 4.06 -26.80
N SER B 66 -21.57 2.81 -27.31
CA SER B 66 -22.58 2.50 -28.35
C SER B 66 -24.03 2.55 -27.78
N LYS B 67 -24.15 2.46 -26.44
CA LYS B 67 -25.43 2.49 -25.71
C LYS B 67 -25.74 3.87 -25.10
N GLY B 68 -24.80 4.80 -25.24
CA GLY B 68 -24.92 6.16 -24.72
C GLY B 68 -24.87 6.18 -23.20
N ILE B 69 -24.11 5.23 -22.61
CA ILE B 69 -23.92 5.10 -21.17
C ILE B 69 -22.52 5.63 -20.87
N GLY B 70 -22.42 6.55 -19.91
CA GLY B 70 -21.13 7.08 -19.46
C GLY B 70 -20.30 5.94 -18.93
N CYS B 71 -19.04 5.83 -19.37
CA CYS B 71 -18.09 4.80 -18.98
C CYS B 71 -17.23 5.33 -17.83
N TYR B 72 -17.29 4.69 -16.66
CA TYR B 72 -16.53 5.15 -15.47
C TYR B 72 -15.54 4.10 -15.09
N MET B 73 -14.25 4.36 -15.31
CA MET B 73 -13.21 3.37 -14.98
C MET B 73 -12.04 3.96 -14.26
N PHE B 74 -11.45 3.19 -13.33
CA PHE B 74 -10.28 3.61 -12.60
C PHE B 74 -9.15 2.66 -12.92
N ARG B 75 -8.08 3.22 -13.46
CA ARG B 75 -6.89 2.54 -13.87
C ARG B 75 -6.00 2.25 -12.63
N ILE B 76 -5.93 0.98 -12.19
CA ILE B 76 -5.07 0.55 -11.07
C ILE B 76 -3.60 0.62 -11.57
N ASP B 77 -3.32 -0.08 -12.70
CA ASP B 77 -2.06 -0.12 -13.43
C ASP B 77 -2.26 -0.78 -14.81
N ASP B 78 -1.17 -1.16 -15.51
CA ASP B 78 -1.24 -1.76 -16.85
C ASP B 78 -1.97 -3.11 -16.93
N SER B 79 -2.28 -3.76 -15.80
CA SER B 79 -2.93 -5.09 -15.82
C SER B 79 -4.37 -5.13 -15.32
N GLU B 80 -4.74 -4.23 -14.40
CA GLU B 80 -6.10 -4.21 -13.85
C GLU B 80 -6.73 -2.83 -13.84
N VAL B 81 -8.06 -2.83 -13.92
CA VAL B 81 -8.90 -1.63 -13.95
C VAL B 81 -10.15 -1.91 -13.07
N VAL B 82 -10.71 -0.88 -12.45
CA VAL B 82 -11.97 -1.00 -11.72
C VAL B 82 -13.05 -0.35 -12.59
N ASP B 83 -14.06 -1.13 -12.96
CA ASP B 83 -15.19 -0.64 -13.76
C ASP B 83 -16.33 -0.23 -12.81
N ALA B 84 -16.57 1.08 -12.70
CA ALA B 84 -17.59 1.66 -11.83
C ALA B 84 -18.85 2.03 -12.61
N THR B 85 -18.94 1.64 -13.89
CA THR B 85 -20.05 2.02 -14.76
C THR B 85 -21.42 1.54 -14.24
N MET B 86 -21.50 0.26 -13.83
CA MET B 86 -22.76 -0.36 -13.40
C MET B 86 -22.82 -0.56 -11.90
N HIS B 87 -21.67 -0.87 -11.28
CA HIS B 87 -21.67 -1.12 -9.84
C HIS B 87 -20.78 -0.14 -9.07
N GLY B 88 -20.80 1.12 -9.49
CA GLY B 88 -20.02 2.18 -8.85
C GLY B 88 -20.78 2.93 -7.77
N ASN B 89 -20.15 3.96 -7.20
CA ASN B 89 -20.75 4.81 -6.16
C ASN B 89 -20.40 6.25 -6.50
N ALA B 90 -20.50 7.19 -5.54
CA ALA B 90 -20.23 8.63 -5.81
C ALA B 90 -18.77 8.95 -6.18
N ALA B 91 -17.82 8.08 -5.77
CA ALA B 91 -16.39 8.27 -6.06
C ALA B 91 -16.09 8.28 -7.58
N ARG B 92 -16.96 7.68 -8.40
CA ARG B 92 -16.75 7.66 -9.85
C ARG B 92 -16.79 9.07 -10.49
N PHE B 93 -17.33 10.08 -9.77
CA PHE B 93 -17.39 11.46 -10.25
C PHE B 93 -16.17 12.28 -9.83
N ILE B 94 -15.20 11.69 -9.09
CA ILE B 94 -14.04 12.47 -8.65
C ILE B 94 -13.23 12.96 -9.84
N ASN B 95 -13.08 14.28 -9.94
CA ASN B 95 -12.32 14.94 -11.00
C ASN B 95 -10.84 15.01 -10.71
N HIS B 96 -10.03 15.25 -11.74
CA HIS B 96 -8.58 15.41 -11.64
C HIS B 96 -8.21 16.84 -11.23
N SER B 97 -7.10 17.00 -10.47
CA SER B 97 -6.47 18.28 -10.18
C SER B 97 -4.98 18.10 -10.04
N CYS B 98 -4.21 19.13 -10.44
CA CYS B 98 -2.76 19.18 -10.39
C CYS B 98 -2.28 19.62 -9.02
N GLU B 99 -3.21 20.13 -8.22
CA GLU B 99 -2.99 20.49 -6.83
C GLU B 99 -4.15 19.75 -6.12
N PRO B 100 -4.09 18.39 -6.06
CA PRO B 100 -5.20 17.63 -5.49
C PRO B 100 -5.29 17.68 -3.98
N ASN B 101 -6.44 17.36 -3.42
CA ASN B 101 -6.53 17.35 -1.97
C ASN B 101 -6.71 15.92 -1.50
N CYS B 102 -6.75 14.97 -2.46
CA CYS B 102 -6.93 13.54 -2.20
C CYS B 102 -5.91 12.73 -3.01
N TYR B 103 -5.74 11.47 -2.65
CA TYR B 103 -4.92 10.52 -3.42
C TYR B 103 -5.57 9.16 -3.39
N SER B 104 -5.33 8.36 -4.43
CA SER B 104 -5.88 7.03 -4.51
C SER B 104 -4.84 6.00 -4.12
N ARG B 105 -5.28 4.92 -3.47
CA ARG B 105 -4.41 3.80 -3.09
C ARG B 105 -5.17 2.50 -3.29
N VAL B 106 -4.46 1.46 -3.72
CA VAL B 106 -5.07 0.13 -3.83
C VAL B 106 -4.74 -0.57 -2.51
N ILE B 107 -5.76 -0.95 -1.76
CA ILE B 107 -5.57 -1.67 -0.50
C ILE B 107 -6.13 -3.09 -0.64
N ASN B 108 -5.48 -4.05 -0.01
CA ASN B 108 -5.96 -5.41 -0.03
C ASN B 108 -6.43 -5.78 1.37
N ILE B 109 -7.76 -5.81 1.58
CA ILE B 109 -8.38 -6.13 2.87
C ILE B 109 -9.06 -7.49 2.79
N ASP B 110 -8.58 -8.43 3.63
CA ASP B 110 -9.08 -9.81 3.78
C ASP B 110 -9.14 -10.54 2.44
N GLY B 111 -8.05 -10.41 1.67
CA GLY B 111 -7.88 -11.02 0.36
C GLY B 111 -8.49 -10.25 -0.80
N GLN B 112 -9.35 -9.25 -0.51
CA GLN B 112 -10.03 -8.50 -1.54
C GLN B 112 -9.44 -7.12 -1.78
N LYS B 113 -9.26 -6.74 -3.06
CA LYS B 113 -8.75 -5.44 -3.48
C LYS B 113 -9.82 -4.38 -3.42
N HIS B 114 -9.44 -3.19 -2.93
CA HIS B 114 -10.33 -2.03 -2.89
C HIS B 114 -9.51 -0.81 -3.18
N ILE B 115 -10.02 0.08 -4.04
CA ILE B 115 -9.40 1.36 -4.32
C ILE B 115 -10.02 2.32 -3.31
N VAL B 116 -9.19 2.95 -2.48
CA VAL B 116 -9.71 3.91 -1.50
C VAL B 116 -9.11 5.28 -1.73
N ILE B 117 -9.90 6.32 -1.44
CA ILE B 117 -9.52 7.72 -1.60
C ILE B 117 -9.22 8.32 -0.20
N PHE B 118 -8.03 8.90 -0.04
CA PHE B 118 -7.64 9.51 1.23
C PHE B 118 -7.47 10.99 1.05
N ALA B 119 -7.65 11.76 2.12
CA ALA B 119 -7.42 13.20 2.09
C ALA B 119 -5.89 13.42 2.32
N MET B 120 -5.27 14.24 1.47
CA MET B 120 -3.84 14.60 1.56
C MET B 120 -3.66 15.76 2.57
N ARG B 121 -4.70 16.57 2.72
CA ARG B 121 -4.77 17.74 3.60
C ARG B 121 -6.15 17.84 4.21
N LYS B 122 -6.36 18.79 5.15
CA LYS B 122 -7.70 19.01 5.69
C LYS B 122 -8.51 19.65 4.55
N ILE B 123 -9.67 19.09 4.28
CA ILE B 123 -10.56 19.53 3.20
C ILE B 123 -11.73 20.12 3.90
N TYR B 124 -12.13 21.31 3.46
CA TYR B 124 -13.19 22.06 4.10
C TYR B 124 -14.50 21.94 3.41
N ARG B 125 -15.57 22.08 4.20
CA ARG B 125 -16.95 22.00 3.76
C ARG B 125 -17.17 22.81 2.48
N GLY B 126 -17.67 22.16 1.44
CA GLY B 126 -17.98 22.79 0.15
C GLY B 126 -16.92 22.61 -0.92
N GLU B 127 -15.72 22.24 -0.53
CA GLU B 127 -14.63 22.02 -1.49
C GLU B 127 -14.87 20.82 -2.36
N GLU B 128 -14.41 20.88 -3.59
CA GLU B 128 -14.45 19.72 -4.47
C GLU B 128 -13.28 18.78 -4.11
N LEU B 129 -13.54 17.44 -4.12
CA LEU B 129 -12.52 16.42 -3.89
C LEU B 129 -11.90 16.07 -5.23
N THR B 130 -10.57 16.04 -5.28
CA THR B 130 -9.83 15.77 -6.50
C THR B 130 -8.59 14.93 -6.22
N TYR B 131 -8.18 14.13 -7.18
CA TYR B 131 -6.92 13.38 -7.05
C TYR B 131 -6.18 13.54 -8.34
N ASP B 132 -4.85 13.30 -8.33
CA ASP B 132 -4.08 13.39 -9.54
C ASP B 132 -4.30 12.10 -10.35
N TYR B 133 -4.89 12.20 -11.56
CA TYR B 133 -5.07 11.04 -12.44
C TYR B 133 -3.69 10.72 -13.02
N LYS B 134 -3.32 9.44 -13.03
CA LYS B 134 -2.05 9.04 -13.61
C LYS B 134 -2.34 8.48 -15.01
N PHE B 135 -2.40 9.39 -16.00
CA PHE B 135 -2.69 9.09 -17.41
C PHE B 135 -1.39 8.95 -18.20
N LYS B 143 -3.27 15.02 -24.28
CA LYS B 143 -4.36 15.16 -25.23
C LYS B 143 -5.53 15.95 -24.63
N LEU B 144 -5.96 15.60 -23.40
CA LEU B 144 -7.07 16.28 -22.75
C LEU B 144 -6.59 17.48 -21.93
N PRO B 145 -7.02 18.71 -22.27
CA PRO B 145 -6.55 19.89 -21.51
C PRO B 145 -7.13 19.93 -20.09
N CYS B 146 -6.28 20.22 -19.09
CA CYS B 146 -6.71 20.27 -17.69
C CYS B 146 -7.37 21.59 -17.33
N ASN B 147 -8.51 21.50 -16.62
CA ASN B 147 -9.31 22.64 -16.19
C ASN B 147 -9.35 22.74 -14.66
N CYS B 148 -8.31 22.26 -13.96
CA CYS B 148 -8.31 22.32 -12.49
C CYS B 148 -8.13 23.76 -12.00
N GLY B 149 -7.45 24.57 -12.83
CA GLY B 149 -7.22 25.99 -12.58
C GLY B 149 -6.13 26.29 -11.56
N ALA B 150 -5.35 25.27 -11.14
CA ALA B 150 -4.28 25.46 -10.15
C ALA B 150 -3.19 26.36 -10.72
N LYS B 151 -2.46 27.07 -9.85
CA LYS B 151 -1.36 27.93 -10.30
C LYS B 151 -0.30 27.04 -11.01
N LYS B 152 0.05 25.92 -10.37
CA LYS B 152 1.05 24.94 -10.80
C LYS B 152 0.47 23.84 -11.70
N CYS B 153 -0.61 24.16 -12.46
CA CYS B 153 -1.29 23.23 -13.36
C CYS B 153 -0.36 22.73 -14.47
N ARG B 154 -0.35 21.41 -14.74
CA ARG B 154 0.44 20.79 -15.80
C ARG B 154 -0.26 20.92 -17.18
N LYS B 155 -1.44 21.55 -17.20
CA LYS B 155 -2.28 21.93 -18.35
C LYS B 155 -2.85 20.79 -19.20
N PHE B 156 -2.48 19.53 -18.92
CA PHE B 156 -3.01 18.35 -19.61
C PHE B 156 -3.21 17.20 -18.63
N LEU B 157 -4.19 16.32 -18.89
CA LEU B 157 -4.39 15.17 -18.00
C LEU B 157 -3.34 14.12 -18.36
N ASN B 158 -2.95 14.11 -19.65
CA ASN B 158 -1.95 13.21 -20.22
C ASN B 158 -0.56 13.84 -20.11
#